data_1ZA0
#
_entry.id   1ZA0
#
_cell.length_a   66.1
_cell.length_b   66.1
_cell.length_c   292.0
_cell.angle_alpha   90.00
_cell.angle_beta   90.00
_cell.angle_gamma   120.00
#
_symmetry.space_group_name_H-M   'P 65 2 2'
#
loop_
_entity.id
_entity.type
_entity.pdbx_description
1 polymer 'POSSIBLE ACYL-[ACYL-CARRIER PROTEIN] DESATURASE DESA2 (ACYL-[ACP] DESATURASE) (STEAROYL-ACP DESATURASE)'
2 non-polymer 'MANGANESE (II) ION'
3 non-polymer 1,2-ETHANEDIOL
4 water water
#
_entity_poly.entity_id   1
_entity_poly.type   'polypeptide(L)'
_entity_poly.pdbx_seq_one_letter_code
;MAQKPVADALTLELEPVVEANMTRHLDTEDIWFAHDYVPFDQGENFAFLGGRDWDPSQSTLPRTITDACEILLILKDNLA
GHHRELVEHFILEDWWGRWLGRWTAEEHLHAIALREYLVVTREVDPVANEDVRVQHVMKGYRAEKYTQVETLVYMAFYER
CGAVFCRNLAAQIEEPILAGLIDRIARDEVRHEEFFANLVTHCLDYTRDETIAAIAARAADLDVLGADIEAYRDKLQNVA
DAGIFGKPQLRQLISDRITAWGLAGEPSLKQFVTG
;
_entity_poly.pdbx_strand_id   A
#
loop_
_chem_comp.id
_chem_comp.type
_chem_comp.name
_chem_comp.formula
EDO non-polymer 1,2-ETHANEDIOL 'C2 H6 O2'
MN non-polymer 'MANGANESE (II) ION' 'Mn 2'
#
# COMPACT_ATOMS: atom_id res chain seq x y z
N ASP A 8 -9.47 -25.90 -9.42
CA ASP A 8 -8.52 -26.17 -10.55
C ASP A 8 -7.07 -26.47 -10.07
N ALA A 9 -6.15 -26.64 -11.02
CA ALA A 9 -4.87 -27.27 -10.74
C ALA A 9 -3.95 -26.30 -9.96
N LEU A 10 -3.87 -25.04 -10.41
CA LEU A 10 -3.12 -23.97 -9.68
C LEU A 10 -3.68 -23.74 -8.29
N THR A 11 -4.98 -23.46 -8.18
CA THR A 11 -5.60 -23.43 -6.85
C THR A 11 -5.21 -24.63 -5.97
N LEU A 12 -5.15 -25.84 -6.52
CA LEU A 12 -4.84 -26.99 -5.68
C LEU A 12 -3.33 -27.01 -5.30
N GLU A 13 -2.48 -26.61 -6.22
CA GLU A 13 -1.06 -26.41 -5.94
C GLU A 13 -0.76 -25.40 -4.84
N LEU A 14 -1.57 -24.33 -4.78
CA LEU A 14 -1.37 -23.20 -3.89
C LEU A 14 -1.97 -23.35 -2.55
N GLU A 15 -2.91 -24.28 -2.39
CA GLU A 15 -3.63 -24.35 -1.14
C GLU A 15 -2.76 -24.64 0.06
N PRO A 16 -1.78 -25.53 -0.05
CA PRO A 16 -0.90 -25.80 1.08
C PRO A 16 -0.04 -24.56 1.43
N VAL A 17 0.28 -23.76 0.41
CA VAL A 17 1.08 -22.54 0.60
C VAL A 17 0.23 -21.40 1.25
N VAL A 18 -1.02 -21.29 0.81
CA VAL A 18 -1.96 -20.34 1.39
C VAL A 18 -2.16 -20.68 2.83
N GLU A 19 -2.30 -22.00 3.12
CA GLU A 19 -2.54 -22.42 4.50
C GLU A 19 -1.39 -22.10 5.38
N ALA A 20 -0.18 -22.47 4.93
CA ALA A 20 1.03 -22.22 5.73
C ALA A 20 1.21 -20.69 6.02
N ASN A 21 0.94 -19.91 5.05
CA ASN A 21 1.09 -18.46 5.18
C ASN A 21 -0.02 -17.84 6.06
N MET A 22 -1.25 -18.34 5.94
CA MET A 22 -2.35 -17.87 6.81
C MET A 22 -2.01 -18.21 8.22
N THR A 23 -1.52 -19.45 8.41
CA THR A 23 -1.11 -19.89 9.71
C THR A 23 0.01 -19.04 10.28
N ARG A 24 1.04 -18.78 9.50
CA ARG A 24 2.06 -17.83 9.92
C ARG A 24 1.48 -16.44 10.25
N HIS A 25 0.65 -15.93 9.37
CA HIS A 25 0.16 -14.53 9.49
C HIS A 25 -0.62 -14.40 10.82
N LEU A 26 -1.57 -15.30 11.03
CA LEU A 26 -2.28 -15.38 12.33
C LEU A 26 -1.46 -15.55 13.59
N ASP A 27 -0.44 -16.44 13.55
CA ASP A 27 0.34 -16.74 14.77
C ASP A 27 1.31 -15.63 15.12
N THR A 28 1.66 -14.81 14.16
CA THR A 28 2.53 -13.64 14.38
C THR A 28 1.77 -12.29 14.35
N GLU A 29 0.43 -12.33 14.30
CA GLU A 29 -0.37 -11.11 14.27
C GLU A 29 -0.13 -10.27 15.54
N ASP A 30 -0.21 -8.95 15.38
CA ASP A 30 -0.12 -8.02 16.53
C ASP A 30 -1.10 -6.87 16.22
N ILE A 31 -2.35 -7.10 16.60
CA ILE A 31 -3.55 -6.42 16.11
C ILE A 31 -3.57 -5.02 16.63
N TRP A 32 -3.85 -4.06 15.77
CA TRP A 32 -4.08 -2.66 16.17
C TRP A 32 -5.44 -2.18 15.65
N PHE A 33 -5.95 -1.09 16.25
CA PHE A 33 -7.24 -0.50 15.90
C PHE A 33 -7.00 0.92 15.43
N ALA A 34 -7.65 1.30 14.32
CA ALA A 34 -7.59 2.60 13.74
C ALA A 34 -7.89 3.66 14.82
N HIS A 35 -8.93 3.43 15.63
CA HIS A 35 -9.39 4.44 16.59
C HIS A 35 -8.34 4.77 17.66
N ASP A 36 -7.37 3.88 17.84
CA ASP A 36 -6.31 4.12 18.79
C ASP A 36 -5.26 5.06 18.25
N TYR A 37 -5.25 5.38 16.96
CA TYR A 37 -4.31 6.32 16.39
C TYR A 37 -4.93 7.65 15.98
N VAL A 38 -6.11 7.90 16.54
CA VAL A 38 -6.84 9.15 16.19
C VAL A 38 -7.04 10.02 17.43
N PRO A 39 -6.49 11.24 17.45
CA PRO A 39 -6.57 12.10 18.64
C PRO A 39 -7.89 12.84 18.66
N PHE A 40 -8.91 12.12 19.00
CA PHE A 40 -10.27 12.60 18.99
C PHE A 40 -10.43 13.85 19.83
N ASP A 41 -9.66 13.99 20.94
CA ASP A 41 -9.70 15.18 21.81
C ASP A 41 -9.55 16.46 21.03
N GLN A 42 -8.79 16.46 19.93
CA GLN A 42 -8.57 17.66 19.09
C GLN A 42 -9.71 17.95 18.09
N GLY A 43 -10.62 17.00 17.94
CA GLY A 43 -11.69 17.15 16.98
C GLY A 43 -12.59 18.31 17.29
N GLU A 44 -13.13 18.91 16.23
CA GLU A 44 -14.17 19.91 16.45
C GLU A 44 -15.26 19.92 15.38
N ASN A 45 -16.43 20.31 15.83
CA ASN A 45 -17.60 20.41 15.00
C ASN A 45 -17.31 21.31 13.80
N PHE A 46 -17.80 20.90 12.65
CA PHE A 46 -17.87 21.76 11.49
C PHE A 46 -19.07 22.73 11.65
N ALA A 47 -19.17 23.71 10.75
CA ALA A 47 -20.14 24.79 10.85
C ALA A 47 -21.57 24.35 10.85
N PHE A 48 -21.91 23.34 10.07
CA PHE A 48 -23.25 22.73 10.16
C PHE A 48 -23.73 22.40 11.59
N LEU A 49 -22.83 21.91 12.44
CA LEU A 49 -23.17 21.56 13.81
C LEU A 49 -22.74 22.60 14.83
N GLY A 50 -22.60 23.84 14.37
CA GLY A 50 -22.33 24.97 15.20
C GLY A 50 -20.87 25.27 15.48
N GLY A 51 -19.91 24.65 14.78
CA GLY A 51 -18.48 24.89 15.04
C GLY A 51 -17.93 25.77 13.91
N ARG A 52 -16.79 25.38 13.33
CA ARG A 52 -16.25 26.05 12.15
C ARG A 52 -15.80 25.12 11.04
N ASP A 53 -15.87 25.65 9.81
CA ASP A 53 -15.45 24.88 8.68
C ASP A 53 -13.96 24.92 8.60
N TRP A 54 -13.44 24.09 7.73
CA TRP A 54 -12.01 24.03 7.53
C TRP A 54 -11.47 25.32 6.94
N ASP A 55 -10.27 25.69 7.35
CA ASP A 55 -9.45 26.62 6.56
C ASP A 55 -7.96 26.29 6.67
N PRO A 56 -7.11 26.78 5.74
CA PRO A 56 -5.66 26.44 5.70
C PRO A 56 -4.86 26.61 7.02
N SER A 57 -5.29 27.53 7.88
CA SER A 57 -4.69 27.81 9.20
C SER A 57 -4.78 26.67 10.19
N GLN A 58 -5.71 25.75 9.97
CA GLN A 58 -5.88 24.57 10.81
C GLN A 58 -4.88 23.43 10.51
N SER A 59 -4.23 23.45 9.34
CA SER A 59 -3.23 22.44 8.93
C SER A 59 -1.85 22.87 9.36
N THR A 60 -1.15 22.03 10.09
CA THR A 60 0.23 22.33 10.44
C THR A 60 1.29 21.39 9.85
N LEU A 61 0.87 20.22 9.32
CA LEU A 61 1.84 19.26 8.80
C LEU A 61 2.38 19.78 7.50
N PRO A 62 3.64 19.42 7.17
CA PRO A 62 4.18 19.71 5.84
C PRO A 62 3.30 19.16 4.69
N ARG A 63 3.20 19.90 3.57
CA ARG A 63 2.33 19.49 2.50
C ARG A 63 2.81 18.19 1.88
N THR A 64 4.11 17.88 1.96
CA THR A 64 4.57 16.58 1.42
C THR A 64 3.91 15.42 2.13
N ILE A 65 3.80 15.56 3.45
CA ILE A 65 3.29 14.53 4.30
C ILE A 65 1.79 14.32 4.04
N THR A 66 1.03 15.42 3.98
CA THR A 66 -0.42 15.31 3.69
C THR A 66 -0.74 14.86 2.27
N ASP A 67 0.05 15.29 1.27
CA ASP A 67 -0.12 14.80 -0.06
C ASP A 67 0.05 13.27 -0.08
N ALA A 68 1.13 12.79 0.54
CA ALA A 68 1.41 11.34 0.62
C ALA A 68 0.22 10.59 1.29
N CYS A 69 -0.33 11.17 2.34
CA CYS A 69 -1.44 10.54 3.03
C CYS A 69 -2.74 10.49 2.17
N GLU A 70 -2.99 11.54 1.41
CA GLU A 70 -4.16 11.61 0.53
C GLU A 70 -4.05 10.59 -0.58
N ILE A 71 -2.84 10.42 -1.14
CA ILE A 71 -2.63 9.38 -2.13
C ILE A 71 -2.91 8.01 -1.55
N LEU A 72 -2.44 7.74 -0.31
CA LEU A 72 -2.66 6.43 0.33
C LEU A 72 -4.13 6.14 0.56
N LEU A 73 -4.80 7.19 1.01
CA LEU A 73 -6.20 7.09 1.33
C LEU A 73 -7.02 6.76 0.10
N ILE A 74 -6.71 7.45 -1.00
CA ILE A 74 -7.45 7.23 -2.25
C ILE A 74 -7.25 5.78 -2.71
N LEU A 75 -6.01 5.33 -2.67
CA LEU A 75 -5.67 3.95 -3.10
C LEU A 75 -6.32 2.90 -2.19
N LYS A 76 -6.27 3.16 -0.88
CA LYS A 76 -6.82 2.20 0.08
C LYS A 76 -8.35 2.11 -0.01
N ASP A 77 -9.02 3.23 -0.25
CA ASP A 77 -10.48 3.24 -0.45
C ASP A 77 -10.92 2.44 -1.73
N ASN A 78 -10.05 2.35 -2.73
CA ASN A 78 -10.33 1.63 -4.01
C ASN A 78 -9.60 0.29 -4.19
N ASP A 94 -12.36 -22.42 2.02
CA ASP A 94 -11.16 -22.10 1.26
C ASP A 94 -10.17 -21.31 2.17
N TRP A 95 -8.94 -21.80 2.30
CA TRP A 95 -7.88 -21.05 2.95
C TRP A 95 -7.69 -19.69 2.22
N TRP A 96 -7.77 -19.70 0.90
CA TRP A 96 -7.63 -18.51 0.10
C TRP A 96 -8.70 -17.50 0.41
N GLY A 97 -9.92 -17.96 0.66
CA GLY A 97 -11.00 -17.04 0.96
C GLY A 97 -10.79 -16.41 2.32
N ARG A 98 -10.23 -17.22 3.19
CA ARG A 98 -9.87 -16.81 4.51
C ARG A 98 -8.78 -15.70 4.37
N TRP A 99 -7.81 -15.88 3.49
CA TRP A 99 -6.80 -14.83 3.27
C TRP A 99 -7.41 -13.59 2.65
N LEU A 100 -8.18 -13.71 1.56
CA LEU A 100 -8.68 -12.49 0.90
C LEU A 100 -9.51 -11.66 1.84
N GLY A 101 -10.25 -12.32 2.74
CA GLY A 101 -11.12 -11.67 3.70
C GLY A 101 -10.27 -10.94 4.73
N ARG A 102 -9.24 -11.61 5.24
CA ARG A 102 -8.29 -11.01 6.16
C ARG A 102 -7.51 -9.82 5.55
N TRP A 103 -6.99 -10.00 4.35
CA TRP A 103 -6.24 -8.97 3.64
C TRP A 103 -7.14 -7.77 3.43
N THR A 104 -8.35 -8.02 2.90
CA THR A 104 -9.34 -6.95 2.72
C THR A 104 -9.63 -6.12 4.00
N ALA A 105 -9.83 -6.78 5.10
CA ALA A 105 -10.11 -6.11 6.36
C ALA A 105 -8.92 -5.26 6.81
N GLU A 106 -7.68 -5.74 6.57
CA GLU A 106 -6.48 -4.94 6.91
C GLU A 106 -6.36 -3.67 6.06
N GLU A 107 -6.59 -3.80 4.77
CA GLU A 107 -6.60 -2.69 3.88
C GLU A 107 -7.68 -1.64 4.33
N HIS A 108 -8.84 -2.14 4.64
CA HIS A 108 -9.91 -1.29 5.05
C HIS A 108 -9.55 -0.51 6.31
N LEU A 109 -8.97 -1.22 7.27
CA LEU A 109 -8.49 -0.68 8.52
C LEU A 109 -7.55 0.52 8.32
N HIS A 110 -6.65 0.42 7.35
CA HIS A 110 -5.72 1.44 6.98
C HIS A 110 -6.48 2.67 6.51
N ALA A 111 -7.46 2.47 5.61
CA ALA A 111 -8.28 3.57 5.09
C ALA A 111 -9.06 4.28 6.25
N ILE A 112 -9.59 3.52 7.20
CA ILE A 112 -10.34 4.16 8.29
C ILE A 112 -9.40 5.01 9.12
N ALA A 113 -8.25 4.43 9.50
CA ALA A 113 -7.29 5.13 10.36
C ALA A 113 -6.86 6.47 9.67
N LEU A 114 -6.50 6.40 8.39
CA LEU A 114 -6.06 7.59 7.68
C LEU A 114 -7.15 8.65 7.59
N ARG A 115 -8.34 8.24 7.19
CA ARG A 115 -9.45 9.19 7.07
C ARG A 115 -9.78 9.86 8.39
N GLU A 116 -9.93 9.06 9.44
CA GLU A 116 -10.27 9.55 10.77
C GLU A 116 -9.20 10.48 11.35
N TYR A 117 -7.94 10.13 11.18
CA TYR A 117 -6.88 11.00 11.61
C TYR A 117 -7.07 12.33 10.89
N LEU A 118 -7.20 12.29 9.58
CA LEU A 118 -7.18 13.49 8.78
C LEU A 118 -8.34 14.49 9.04
N VAL A 119 -9.54 13.93 9.25
CA VAL A 119 -10.70 14.73 9.46
C VAL A 119 -10.71 15.27 10.91
N VAL A 120 -10.24 14.50 11.90
CA VAL A 120 -10.22 14.97 13.26
C VAL A 120 -9.20 16.09 13.44
N THR A 121 -8.04 15.95 12.78
CA THR A 121 -6.97 16.89 12.95
C THR A 121 -7.07 18.08 12.05
N ARG A 122 -7.96 18.05 11.05
CA ARG A 122 -8.14 19.08 10.02
C ARG A 122 -6.88 19.37 9.19
N GLU A 123 -6.08 18.35 8.94
CA GLU A 123 -4.83 18.55 8.29
C GLU A 123 -5.01 18.70 6.80
N VAL A 124 -6.15 18.27 6.26
CA VAL A 124 -6.50 18.55 4.88
C VAL A 124 -7.96 18.98 4.80
N ASP A 125 -8.31 19.66 3.73
CA ASP A 125 -9.69 20.06 3.46
C ASP A 125 -10.53 18.81 3.26
N PRO A 126 -11.43 18.52 4.21
CA PRO A 126 -12.20 17.26 4.16
C PRO A 126 -13.24 17.25 3.03
N VAL A 127 -13.61 18.43 2.56
CA VAL A 127 -14.59 18.51 1.46
C VAL A 127 -14.11 17.79 0.20
N ALA A 128 -12.90 18.13 -0.24
CA ALA A 128 -12.19 17.48 -1.35
C ALA A 128 -12.27 15.94 -1.39
N ASN A 129 -11.94 15.27 -0.27
CA ASN A 129 -11.98 13.81 -0.10
C ASN A 129 -13.33 13.18 0.25
N GLU A 130 -14.39 14.00 0.37
CA GLU A 130 -15.74 13.51 0.72
C GLU A 130 -16.80 13.87 -0.35
N ASP A 131 -16.39 14.56 -1.43
CA ASP A 131 -17.31 15.18 -2.37
C ASP A 131 -17.68 14.13 -3.42
N VAL A 132 -18.92 13.66 -3.39
CA VAL A 132 -19.37 12.64 -4.32
C VAL A 132 -19.47 13.10 -5.77
N ARG A 133 -19.47 14.41 -6.00
CA ARG A 133 -19.49 14.97 -7.32
C ARG A 133 -18.16 14.74 -8.08
N VAL A 134 -17.06 14.43 -7.41
CA VAL A 134 -15.78 14.36 -8.11
C VAL A 134 -15.28 12.91 -8.30
N LYS A 145 -8.00 -7.92 -18.09
CA LYS A 145 -8.13 -9.36 -17.80
C LYS A 145 -6.73 -9.92 -17.37
N TYR A 146 -6.60 -10.29 -16.09
CA TYR A 146 -5.35 -10.90 -15.59
C TYR A 146 -5.55 -12.35 -15.25
N THR A 147 -4.64 -13.20 -15.75
CA THR A 147 -4.55 -14.57 -15.26
C THR A 147 -4.34 -14.58 -13.77
N GLN A 148 -4.52 -15.76 -13.18
CA GLN A 148 -4.29 -15.95 -11.74
C GLN A 148 -2.83 -15.61 -11.35
N VAL A 149 -1.88 -15.91 -12.22
CA VAL A 149 -0.45 -15.78 -11.94
C VAL A 149 -0.07 -14.35 -12.12
N GLU A 150 -0.55 -13.75 -13.19
CA GLU A 150 -0.45 -12.32 -13.42
C GLU A 150 -0.96 -11.48 -12.24
N THR A 151 -2.00 -11.97 -11.58
CA THR A 151 -2.65 -11.27 -10.51
C THR A 151 -1.76 -11.36 -9.25
N LEU A 152 -1.19 -12.56 -8.98
CA LEU A 152 -0.39 -12.74 -7.80
C LEU A 152 0.89 -11.95 -7.94
N VAL A 153 1.45 -11.91 -9.15
CA VAL A 153 2.67 -11.18 -9.43
C VAL A 153 2.41 -9.65 -9.23
N TYR A 154 1.32 -9.16 -9.81
CA TYR A 154 0.93 -7.77 -9.66
C TYR A 154 0.82 -7.39 -8.17
N MET A 155 0.10 -8.18 -7.38
CA MET A 155 -0.08 -7.91 -6.00
C MET A 155 1.23 -7.93 -5.20
N ALA A 156 2.18 -8.79 -5.58
CA ALA A 156 3.43 -8.81 -4.87
C ALA A 156 4.20 -7.51 -5.07
N PHE A 157 4.23 -7.02 -6.29
CA PHE A 157 4.93 -5.80 -6.56
C PHE A 157 4.21 -4.59 -5.92
N TYR A 158 2.88 -4.60 -6.02
CA TYR A 158 2.06 -3.50 -5.58
C TYR A 158 2.13 -3.36 -4.05
N GLU A 159 2.08 -4.48 -3.32
CA GLU A 159 2.34 -4.47 -1.91
C GLU A 159 3.76 -4.04 -1.56
N ARG A 160 4.74 -4.38 -2.37
CA ARG A 160 6.08 -3.92 -2.09
C ARG A 160 6.16 -2.39 -2.27
N CYS A 161 5.54 -1.86 -3.32
CA CYS A 161 5.39 -0.42 -3.49
C CYS A 161 4.78 0.23 -2.23
N GLY A 162 3.67 -0.33 -1.75
CA GLY A 162 3.04 0.08 -0.49
C GLY A 162 4.00 0.10 0.68
N ALA A 163 4.81 -0.95 0.80
CA ALA A 163 5.71 -1.10 1.93
C ALA A 163 6.85 -0.06 1.89
N VAL A 164 7.43 0.19 0.71
CA VAL A 164 8.46 1.20 0.51
C VAL A 164 7.92 2.65 0.73
N PHE A 165 6.79 2.94 0.08
CA PHE A 165 6.07 4.20 0.30
C PHE A 165 5.83 4.50 1.75
N CYS A 166 5.25 3.56 2.52
CA CYS A 166 4.85 3.84 3.87
C CYS A 166 6.05 3.86 4.83
N ARG A 167 7.05 2.99 4.56
CA ARG A 167 8.29 3.06 5.29
C ARG A 167 8.98 4.45 5.14
N ASN A 168 9.07 4.95 3.90
CA ASN A 168 9.77 6.16 3.59
C ASN A 168 8.97 7.29 4.19
N LEU A 169 7.66 7.22 4.11
CA LEU A 169 6.82 8.25 4.69
C LEU A 169 6.90 8.33 6.19
N ALA A 170 6.76 7.20 6.88
CA ALA A 170 6.83 7.14 8.33
C ALA A 170 8.20 7.80 8.82
N ALA A 171 9.28 7.52 8.10
CA ALA A 171 10.60 7.95 8.48
C ALA A 171 10.71 9.49 8.39
N GLN A 172 9.86 10.16 7.62
CA GLN A 172 9.89 11.62 7.44
C GLN A 172 8.87 12.37 8.29
N ILE A 173 8.03 11.65 9.02
CA ILE A 173 6.97 12.27 9.85
C ILE A 173 7.40 12.49 11.29
N GLU A 174 7.35 13.74 11.76
CA GLU A 174 7.78 14.05 13.10
C GLU A 174 6.64 14.03 14.11
N GLU A 175 5.43 14.34 13.64
CA GLU A 175 4.26 14.21 14.46
C GLU A 175 4.09 12.73 14.90
N PRO A 176 4.27 12.44 16.17
CA PRO A 176 4.34 11.08 16.67
C PRO A 176 3.08 10.17 16.53
N ILE A 177 1.87 10.69 16.73
CA ILE A 177 0.64 9.94 16.47
C ILE A 177 0.60 9.44 15.04
N LEU A 178 0.76 10.34 14.07
CA LEU A 178 0.78 9.97 12.66
C LEU A 178 1.93 9.07 12.25
N ALA A 179 3.08 9.30 12.87
CA ALA A 179 4.23 8.48 12.63
C ALA A 179 3.91 7.03 13.05
N GLY A 180 3.31 6.87 14.21
CA GLY A 180 2.85 5.59 14.72
C GLY A 180 1.86 4.87 13.81
N LEU A 181 0.93 5.63 13.30
CA LEU A 181 -0.11 5.13 12.38
C LEU A 181 0.50 4.61 11.09
N ILE A 182 1.32 5.45 10.45
CA ILE A 182 1.94 5.06 9.22
C ILE A 182 2.92 3.87 9.41
N ASP A 183 3.64 3.87 10.51
CA ASP A 183 4.50 2.73 10.81
C ASP A 183 3.67 1.42 10.96
N ARG A 184 2.50 1.46 11.62
CA ARG A 184 1.62 0.26 11.69
C ARG A 184 1.25 -0.21 10.29
N ILE A 185 0.81 0.72 9.44
CA ILE A 185 0.45 0.42 8.06
C ILE A 185 1.62 -0.20 7.28
N ALA A 186 2.82 0.41 7.44
CA ALA A 186 4.01 -0.09 6.76
C ALA A 186 4.29 -1.56 7.13
N ARG A 187 4.17 -1.88 8.41
CA ARG A 187 4.37 -3.24 8.90
C ARG A 187 3.36 -4.26 8.36
N ASP A 188 2.13 -3.82 8.18
CA ASP A 188 1.12 -4.63 7.51
C ASP A 188 1.49 -4.82 6.06
N GLU A 189 1.97 -3.78 5.38
CA GLU A 189 2.30 -3.90 4.00
C GLU A 189 3.48 -4.90 3.76
N VAL A 190 4.43 -4.94 4.68
CA VAL A 190 5.52 -5.92 4.62
C VAL A 190 4.96 -7.36 4.66
N ARG A 191 4.02 -7.54 5.55
CA ARG A 191 3.30 -8.79 5.72
C ARG A 191 2.46 -9.18 4.51
N HIS A 192 1.85 -8.17 3.85
CA HIS A 192 1.07 -8.40 2.68
C HIS A 192 1.98 -8.87 1.54
N GLU A 193 3.05 -8.13 1.36
CA GLU A 193 3.98 -8.44 0.33
C GLU A 193 4.55 -9.90 0.51
N GLU A 194 4.85 -10.27 1.74
CA GLU A 194 5.53 -11.52 2.09
C GLU A 194 4.55 -12.64 1.63
N PHE A 195 3.29 -12.47 1.99
CA PHE A 195 2.23 -13.43 1.65
C PHE A 195 2.09 -13.61 0.16
N PHE A 196 1.85 -12.51 -0.58
CA PHE A 196 1.73 -12.64 -2.03
C PHE A 196 3.01 -13.13 -2.65
N ALA A 197 4.13 -12.63 -2.17
CA ALA A 197 5.39 -13.02 -2.79
C ALA A 197 5.66 -14.53 -2.56
N ASN A 198 5.25 -15.07 -1.43
CA ASN A 198 5.48 -16.49 -1.19
C ASN A 198 4.63 -17.33 -2.19
N LEU A 199 3.43 -16.84 -2.55
CA LEU A 199 2.55 -17.53 -3.49
C LEU A 199 3.21 -17.52 -4.83
N VAL A 200 3.84 -16.41 -5.17
CA VAL A 200 4.54 -16.26 -6.41
C VAL A 200 5.77 -17.19 -6.50
N THR A 201 6.44 -17.35 -5.39
CA THR A 201 7.54 -18.34 -5.33
C THR A 201 6.98 -19.74 -5.69
N HIS A 202 5.86 -20.18 -5.11
CA HIS A 202 5.29 -21.48 -5.47
C HIS A 202 4.88 -21.52 -6.95
N CYS A 203 4.44 -20.39 -7.53
CA CYS A 203 4.12 -20.32 -8.95
C CYS A 203 5.37 -20.48 -9.80
N LEU A 204 6.48 -19.85 -9.40
CA LEU A 204 7.73 -20.04 -10.06
C LEU A 204 8.18 -21.51 -10.05
N ASP A 205 7.89 -22.24 -8.99
CA ASP A 205 8.18 -23.69 -8.89
C ASP A 205 7.24 -24.61 -9.74
N TYR A 206 5.93 -24.34 -9.72
CA TYR A 206 4.94 -25.11 -10.44
C TYR A 206 4.83 -24.80 -11.93
N THR A 207 4.83 -23.51 -12.27
CA THR A 207 4.62 -23.07 -13.62
C THR A 207 5.55 -21.92 -14.00
N ARG A 208 6.81 -22.30 -14.18
CA ARG A 208 7.91 -21.32 -14.27
C ARG A 208 7.84 -20.24 -15.35
N ASP A 209 7.66 -20.63 -16.61
CA ASP A 209 7.88 -19.68 -17.67
C ASP A 209 6.72 -18.69 -17.73
N GLU A 210 5.55 -19.15 -17.30
CA GLU A 210 4.37 -18.32 -17.13
C GLU A 210 4.66 -17.20 -16.11
N THR A 211 5.18 -17.62 -14.94
CA THR A 211 5.47 -16.71 -13.84
C THR A 211 6.54 -15.69 -14.22
N ILE A 212 7.60 -16.15 -14.88
CA ILE A 212 8.64 -15.28 -15.38
C ILE A 212 8.09 -14.25 -16.37
N ALA A 213 7.26 -14.70 -17.29
CA ALA A 213 6.66 -13.80 -18.26
C ALA A 213 5.79 -12.75 -17.58
N ALA A 214 5.03 -13.18 -16.58
CA ALA A 214 4.22 -12.27 -15.81
C ALA A 214 5.10 -11.23 -15.08
N ILE A 215 6.24 -11.66 -14.55
CA ILE A 215 7.11 -10.75 -13.83
C ILE A 215 7.71 -9.76 -14.79
N ALA A 216 8.11 -10.24 -15.96
CA ALA A 216 8.65 -9.35 -17.00
C ALA A 216 7.67 -8.28 -17.42
N ALA A 217 6.43 -8.67 -17.63
CA ALA A 217 5.41 -7.73 -18.14
C ALA A 217 5.03 -6.65 -17.08
N ARG A 218 4.88 -7.06 -15.81
CA ARG A 218 4.67 -6.12 -14.71
C ARG A 218 5.86 -5.19 -14.51
N ALA A 219 7.07 -5.73 -14.52
CA ALA A 219 8.27 -4.93 -14.35
C ALA A 219 8.31 -3.82 -15.37
N ALA A 220 7.83 -4.09 -16.59
CA ALA A 220 7.93 -3.09 -17.67
C ALA A 220 6.80 -2.06 -17.53
N ASP A 221 5.67 -2.46 -16.98
CA ASP A 221 4.46 -1.63 -17.02
C ASP A 221 4.06 -0.97 -15.70
N LEU A 222 4.73 -1.30 -14.58
CA LEU A 222 4.35 -0.78 -13.25
C LEU A 222 4.57 0.72 -13.22
N ASP A 223 3.65 1.45 -12.63
CA ASP A 223 3.84 2.92 -12.50
C ASP A 223 3.91 3.31 -11.01
N VAL A 224 4.23 4.55 -10.70
CA VAL A 224 4.27 4.95 -9.30
C VAL A 224 2.87 4.92 -8.68
N LEU A 225 2.82 4.75 -7.37
CA LEU A 225 1.54 4.73 -6.69
C LEU A 225 0.77 6.03 -6.93
N GLY A 226 -0.46 5.91 -7.40
CA GLY A 226 -1.31 7.09 -7.57
C GLY A 226 -1.25 7.74 -8.96
N ALA A 227 -0.46 7.15 -9.85
CA ALA A 227 -0.36 7.53 -11.28
C ALA A 227 -1.72 7.58 -12.03
N ASP A 228 -2.68 6.78 -11.58
CA ASP A 228 -4.04 6.72 -12.11
C ASP A 228 -5.02 7.75 -11.47
N ILE A 229 -4.56 8.53 -10.51
CA ILE A 229 -5.43 9.50 -9.86
C ILE A 229 -5.48 10.82 -10.65
N GLU A 230 -6.70 11.11 -11.10
CA GLU A 230 -7.10 12.34 -11.77
C GLU A 230 -6.64 13.55 -10.96
N ALA A 231 -5.79 14.39 -11.53
CA ALA A 231 -5.52 15.70 -10.94
C ALA A 231 -4.61 15.64 -9.70
N TYR A 232 -3.80 14.60 -9.61
CA TYR A 232 -2.88 14.44 -8.47
C TYR A 232 -1.43 14.62 -8.92
N ARG A 233 -1.25 15.13 -10.12
CA ARG A 233 0.09 15.30 -10.71
C ARG A 233 1.02 16.06 -9.78
N ASP A 234 0.50 17.15 -9.21
CA ASP A 234 1.25 18.00 -8.28
C ASP A 234 1.64 17.26 -7.00
N LYS A 235 0.69 16.52 -6.41
CA LYS A 235 0.95 15.73 -5.20
C LYS A 235 1.98 14.64 -5.46
N LEU A 236 1.85 13.92 -6.57
CA LEU A 236 2.85 12.88 -6.95
C LEU A 236 4.21 13.47 -7.07
N GLN A 237 4.34 14.65 -7.70
CA GLN A 237 5.66 15.29 -7.90
C GLN A 237 6.24 15.71 -6.54
N ASN A 238 5.37 16.20 -5.68
CA ASN A 238 5.81 16.63 -4.36
C ASN A 238 6.37 15.40 -3.55
N VAL A 239 5.65 14.28 -3.56
CA VAL A 239 6.11 13.10 -2.79
C VAL A 239 7.35 12.51 -3.46
N ALA A 240 7.47 12.61 -4.77
CA ALA A 240 8.72 12.24 -5.46
C ALA A 240 9.90 13.12 -5.08
N ASP A 241 9.70 14.43 -4.99
CA ASP A 241 10.77 15.40 -4.60
C ASP A 241 11.28 15.19 -3.18
N ALA A 242 10.40 14.76 -2.30
CA ALA A 242 10.77 14.43 -0.92
C ALA A 242 11.46 13.08 -0.79
N GLY A 243 11.52 12.30 -1.85
CA GLY A 243 12.13 10.99 -1.79
C GLY A 243 11.21 9.94 -1.13
N ILE A 244 9.93 10.22 -0.93
CA ILE A 244 9.04 9.19 -0.37
C ILE A 244 8.78 8.12 -1.43
N PHE A 245 8.29 8.53 -2.59
CA PHE A 245 8.10 7.55 -3.64
C PHE A 245 8.09 8.23 -4.97
N GLY A 246 8.80 7.61 -5.90
CA GLY A 246 8.87 8.09 -7.28
C GLY A 246 9.54 7.09 -8.19
N LYS A 247 9.91 7.53 -9.39
CA LYS A 247 10.37 6.60 -10.44
C LYS A 247 11.64 5.91 -9.98
N PRO A 248 12.57 6.61 -9.31
CA PRO A 248 13.78 5.96 -8.79
C PRO A 248 13.53 4.92 -7.69
N GLN A 249 12.61 5.20 -6.76
CA GLN A 249 12.29 4.23 -5.74
C GLN A 249 11.63 3.02 -6.45
N LEU A 250 10.80 3.26 -7.46
CA LEU A 250 10.07 2.20 -8.12
C LEU A 250 11.03 1.29 -8.86
N ARG A 251 11.92 1.89 -9.63
CA ARG A 251 12.98 1.18 -10.32
C ARG A 251 13.81 0.33 -9.34
N GLN A 252 14.33 0.90 -8.28
CA GLN A 252 15.05 0.08 -7.33
C GLN A 252 14.20 -1.10 -6.74
N LEU A 253 12.97 -0.85 -6.29
CA LEU A 253 12.21 -1.94 -5.60
C LEU A 253 11.89 -3.05 -6.62
N ILE A 254 11.66 -2.70 -7.87
CA ILE A 254 11.43 -3.70 -8.89
C ILE A 254 12.66 -4.63 -9.04
N SER A 255 13.85 -4.05 -9.16
CA SER A 255 15.11 -4.80 -9.12
C SER A 255 15.27 -5.66 -7.87
N ASP A 256 15.03 -5.11 -6.70
CA ASP A 256 15.09 -5.87 -5.46
C ASP A 256 14.08 -7.03 -5.40
N ARG A 257 12.88 -6.86 -5.93
CA ARG A 257 11.88 -7.89 -5.84
C ARG A 257 12.27 -9.06 -6.77
N ILE A 258 12.77 -8.73 -7.93
CA ILE A 258 13.22 -9.77 -8.91
C ILE A 258 14.36 -10.56 -8.29
N THR A 259 15.30 -9.83 -7.68
CA THR A 259 16.46 -10.38 -7.02
C THR A 259 16.06 -11.29 -5.88
N ALA A 260 15.10 -10.86 -5.06
CA ALA A 260 14.64 -11.61 -3.92
C ALA A 260 13.95 -12.94 -4.33
N TRP A 261 13.39 -13.01 -5.54
CA TRP A 261 12.91 -14.29 -6.13
C TRP A 261 14.02 -15.15 -6.74
N GLY A 262 15.25 -14.68 -6.72
CA GLY A 262 16.37 -15.47 -7.18
C GLY A 262 16.52 -15.33 -8.68
N LEU A 263 15.87 -14.31 -9.23
CA LEU A 263 15.79 -14.19 -10.69
C LEU A 263 16.70 -13.13 -11.30
N ALA A 264 17.67 -12.64 -10.52
CA ALA A 264 18.45 -11.46 -10.93
C ALA A 264 19.19 -11.66 -12.25
N GLY A 265 19.63 -12.89 -12.54
CA GLY A 265 20.34 -13.19 -13.77
C GLY A 265 19.51 -13.88 -14.82
N GLU A 266 18.22 -14.02 -14.56
CA GLU A 266 17.30 -14.50 -15.57
C GLU A 266 17.35 -13.62 -16.82
N PRO A 267 17.64 -14.20 -18.00
CA PRO A 267 17.89 -13.38 -19.20
C PRO A 267 16.83 -12.30 -19.52
N SER A 268 15.55 -12.64 -19.54
CA SER A 268 14.49 -11.67 -19.89
C SER A 268 14.13 -10.62 -18.79
N LEU A 269 14.87 -10.61 -17.69
CA LEU A 269 14.62 -9.71 -16.56
C LEU A 269 15.85 -8.91 -16.16
N LYS A 270 17.04 -9.24 -16.70
CA LYS A 270 18.29 -8.58 -16.29
C LYS A 270 18.25 -7.08 -16.63
N GLN A 271 17.42 -6.72 -17.59
CA GLN A 271 17.22 -5.32 -17.98
C GLN A 271 16.46 -4.47 -16.96
N PHE A 272 15.79 -5.14 -15.99
CA PHE A 272 15.13 -4.47 -14.86
C PHE A 272 15.93 -4.52 -13.58
N VAL A 273 17.13 -5.11 -13.62
CA VAL A 273 17.96 -5.23 -12.44
C VAL A 273 19.06 -4.21 -12.49
N THR A 274 19.27 -3.53 -11.38
CA THR A 274 20.35 -2.58 -11.25
C THR A 274 21.59 -3.39 -10.89
MN MN B . -1.41 -3.85 1.63
C1 EDO C . -4.31 -4.86 11.61
O1 EDO C . -4.62 -4.93 12.98
C2 EDO C . -3.24 -5.88 11.27
O2 EDO C . -2.05 -5.68 11.99
#